data_2GT4
#
_entry.id   2GT4
#
_cell.length_a   137.785
_cell.length_b   93.893
_cell.length_c   66.103
_cell.angle_alpha   90.00
_cell.angle_beta   91.23
_cell.angle_gamma   90.00
#
_symmetry.space_group_name_H-M   'C 1 2 1'
#
loop_
_entity.id
_entity.type
_entity.pdbx_description
1 polymer 'GDP-mannose mannosyl hydrolase'
2 non-polymer 'MAGNESIUM ION'
3 non-polymer "GUANOSINE-5'-DIPHOSPHATE-ALPHA-D-MANNOSE"
4 non-polymer beta-D-mannopyranose
5 water water
#
_entity_poly.entity_id   1
_entity_poly.type   'polypeptide(L)'
_entity_poly.pdbx_seq_one_letter_code
;MMFLRQEDFATVVRSTPLVSLDFIVENSRGEFLLGKRTNRPAQGYWFVPGGRVQKDETLEAAFERLTMAELGLRLPITAG
QFYGVWQHFYDDNFSGTDFTTHFVVLGFRFRVSEEELLLPDEQHDDYRWLTSDALLASDNVHANSRAYFLAEKRTGVPGL
;
_entity_poly.pdbx_strand_id   A,B,C
#
loop_
_chem_comp.id
_chem_comp.type
_chem_comp.name
_chem_comp.formula
BMA D-saccharide, beta linking beta-D-mannopyranose 'C6 H12 O6'
GDD non-polymer GUANOSINE-5'-DIPHOSPHATE-ALPHA-D-MANNOSE 'C16 H25 N5 O16 P2'
MG non-polymer 'MAGNESIUM ION' 'Mg 2'
#
# COMPACT_ATOMS: atom_id res chain seq x y z
N MET A 1 -14.37 -12.27 -1.86
CA MET A 1 -15.51 -11.53 -1.34
C MET A 1 -16.12 -12.25 -0.15
N MET A 2 -17.09 -11.61 0.53
CA MET A 2 -17.72 -12.22 1.72
C MET A 2 -19.05 -11.60 2.21
N PHE A 3 -20.16 -12.30 1.92
CA PHE A 3 -21.46 -11.89 2.45
C PHE A 3 -21.60 -12.62 3.77
N LEU A 4 -21.72 -11.86 4.85
CA LEU A 4 -21.66 -12.43 6.18
C LEU A 4 -23.03 -12.91 6.66
N ARG A 5 -23.04 -13.95 7.49
CA ARG A 5 -24.25 -14.40 8.16
C ARG A 5 -24.64 -13.34 9.19
N GLN A 6 -25.93 -13.31 9.54
CA GLN A 6 -26.51 -12.33 10.47
C GLN A 6 -25.71 -12.12 11.76
N GLU A 7 -25.18 -13.21 12.32
CA GLU A 7 -24.42 -13.16 13.57
C GLU A 7 -23.05 -12.49 13.38
N ASP A 8 -22.33 -12.92 12.35
CA ASP A 8 -21.06 -12.30 11.96
C ASP A 8 -21.24 -10.84 11.54
N PHE A 9 -22.32 -10.57 10.81
CA PHE A 9 -22.56 -9.20 10.37
C PHE A 9 -22.85 -8.28 11.55
N ALA A 10 -23.61 -8.79 12.54
CA ALA A 10 -23.91 -8.05 13.77
C ALA A 10 -22.64 -7.62 14.49
N THR A 11 -21.72 -8.57 14.67
CA THR A 11 -20.44 -8.33 15.33
C THR A 11 -19.63 -7.25 14.59
N VAL A 12 -19.54 -7.38 13.26
CA VAL A 12 -18.84 -6.41 12.42
C VAL A 12 -19.41 -4.98 12.57
N VAL A 13 -20.72 -4.81 12.43
CA VAL A 13 -21.35 -3.48 12.53
C VAL A 13 -21.14 -2.87 13.92
N ARG A 14 -21.22 -3.71 14.94
CA ARG A 14 -20.99 -3.32 16.32
C ARG A 14 -19.51 -2.94 16.54
N SER A 15 -18.60 -3.68 15.90
CA SER A 15 -17.17 -3.56 16.24
C SER A 15 -16.30 -2.61 15.41
N THR A 16 -16.78 -2.16 14.25
CA THR A 16 -15.88 -1.48 13.30
C THR A 16 -16.61 -0.65 12.22
N PRO A 17 -15.93 0.34 11.63
CA PRO A 17 -16.57 1.04 10.51
C PRO A 17 -16.79 0.15 9.29
N LEU A 18 -17.89 0.40 8.59
CA LEU A 18 -18.15 -0.23 7.31
C LEU A 18 -17.62 0.72 6.25
N VAL A 19 -17.31 0.20 5.06
CA VAL A 19 -17.05 1.09 3.95
C VAL A 19 -18.10 0.95 2.84
N SER A 20 -18.53 2.10 2.34
CA SER A 20 -19.59 2.11 1.33
C SER A 20 -19.23 3.03 0.19
N LEU A 21 -19.95 2.86 -0.92
CA LEU A 21 -19.92 3.80 -2.04
C LEU A 21 -21.31 4.38 -2.17
N ASP A 22 -21.39 5.70 -2.30
CA ASP A 22 -22.65 6.37 -2.55
C ASP A 22 -22.67 6.96 -3.95
N PHE A 23 -23.82 6.82 -4.61
CA PHE A 23 -24.00 7.30 -5.97
C PHE A 23 -24.89 8.54 -6.02
N ILE A 24 -24.30 9.64 -6.48
CA ILE A 24 -25.05 10.86 -6.75
C ILE A 24 -25.36 10.83 -8.25
N VAL A 25 -26.57 10.37 -8.55
CA VAL A 25 -26.96 10.07 -9.92
C VAL A 25 -27.88 11.17 -10.47
N GLU A 26 -27.47 11.74 -11.60
CA GLU A 26 -28.22 12.80 -12.27
C GLU A 26 -28.82 12.28 -13.59
N ASN A 27 -30.08 12.63 -13.85
CA ASN A 27 -30.69 12.30 -15.13
C ASN A 27 -30.59 13.47 -16.12
N SER A 28 -31.16 13.31 -17.31
CA SER A 28 -31.01 14.34 -18.37
C SER A 28 -31.74 15.64 -18.06
N ARG A 29 -32.56 15.63 -17.01
CA ARG A 29 -33.36 16.79 -16.64
C ARG A 29 -32.82 17.52 -15.42
N GLY A 30 -31.62 17.13 -14.99
CA GLY A 30 -30.96 17.74 -13.83
C GLY A 30 -31.57 17.35 -12.49
N GLU A 31 -32.20 16.18 -12.45
CA GLU A 31 -32.77 15.66 -11.21
C GLU A 31 -31.90 14.54 -10.66
N PHE A 32 -31.99 14.34 -9.35
CA PHE A 32 -31.17 13.38 -8.65
C PHE A 32 -32.00 12.25 -8.06
N LEU A 33 -31.44 11.04 -8.14
CA LEU A 33 -32.13 9.83 -7.72
C LEU A 33 -32.14 9.65 -6.21
N LEU A 34 -33.29 9.26 -5.68
CA LEU A 34 -33.46 8.98 -4.26
C LEU A 34 -34.22 7.68 -4.05
N GLY A 35 -33.80 6.89 -3.08
CA GLY A 35 -34.48 5.65 -2.75
C GLY A 35 -34.95 5.68 -1.31
N LYS A 36 -36.01 4.97 -0.99
CA LYS A 36 -36.48 4.96 0.38
C LYS A 36 -35.89 3.83 1.21
N ARG A 37 -35.60 4.13 2.48
CA ARG A 37 -35.13 3.16 3.43
C ARG A 37 -36.30 2.72 4.34
N THR A 38 -36.79 1.52 4.09
CA THR A 38 -37.90 0.98 4.87
C THR A 38 -37.42 0.20 6.10
N ASN A 39 -36.22 -0.37 6.03
CA ASN A 39 -35.62 -1.04 7.20
C ASN A 39 -34.67 -0.12 7.98
N ARG A 40 -34.32 -0.54 9.20
CA ARG A 40 -33.23 0.06 9.94
C ARG A 40 -31.90 -0.22 9.20
N PRO A 41 -30.86 0.62 9.43
CA PRO A 41 -30.85 1.81 10.27
C PRO A 41 -31.55 3.00 9.61
N ALA A 42 -32.01 3.94 10.44
CA ALA A 42 -32.66 5.18 9.96
C ALA A 42 -33.79 4.93 8.93
N GLN A 43 -34.72 4.03 9.27
CA GLN A 43 -35.91 3.82 8.46
C GLN A 43 -36.77 5.08 8.38
N GLY A 44 -37.50 5.23 7.29
CA GLY A 44 -38.39 6.39 7.12
C GLY A 44 -37.80 7.57 6.38
N TYR A 45 -36.61 7.40 5.80
CA TYR A 45 -35.98 8.47 5.04
C TYR A 45 -35.67 8.08 3.60
N TRP A 46 -35.49 9.09 2.76
CA TRP A 46 -34.99 8.93 1.39
C TRP A 46 -33.47 9.18 1.33
N PHE A 47 -32.76 8.30 0.62
CA PHE A 47 -31.29 8.32 0.50
C PHE A 47 -30.89 8.20 -0.95
N VAL A 48 -29.77 8.81 -1.32
CA VAL A 48 -29.13 8.46 -2.59
C VAL A 48 -28.74 6.98 -2.53
N PRO A 49 -28.71 6.30 -3.68
CA PRO A 49 -28.35 4.88 -3.69
C PRO A 49 -26.90 4.63 -3.29
N GLY A 50 -26.64 3.42 -2.79
CA GLY A 50 -25.29 3.00 -2.45
C GLY A 50 -25.26 1.69 -1.71
N GLY A 51 -24.05 1.24 -1.40
CA GLY A 51 -23.88 -0.04 -0.73
C GLY A 51 -22.50 -0.28 -0.20
N ARG A 52 -22.37 -1.40 0.52
CA ARG A 52 -21.20 -1.77 1.29
C ARG A 52 -20.15 -2.53 0.43
N VAL A 53 -18.88 -2.24 0.68
CA VAL A 53 -17.75 -3.00 0.11
C VAL A 53 -17.40 -4.22 0.99
N GLN A 54 -17.29 -5.39 0.37
CA GLN A 54 -17.03 -6.63 1.10
C GLN A 54 -15.54 -6.94 1.28
N LYS A 55 -15.24 -7.89 2.17
CA LYS A 55 -13.87 -8.33 2.43
C LYS A 55 -13.19 -8.82 1.15
N ASP A 56 -11.98 -8.32 0.90
CA ASP A 56 -11.16 -8.69 -0.26
C ASP A 56 -11.76 -8.31 -1.62
N GLU A 57 -12.71 -7.37 -1.62
CA GLU A 57 -13.27 -6.83 -2.85
C GLU A 57 -12.64 -5.48 -3.15
N THR A 58 -12.10 -5.32 -4.36
CA THR A 58 -11.52 -4.04 -4.76
C THR A 58 -12.62 -2.99 -4.90
N LEU A 59 -12.24 -1.71 -4.82
CA LEU A 59 -13.20 -0.63 -5.04
C LEU A 59 -13.76 -0.67 -6.47
N GLU A 60 -12.88 -0.98 -7.41
CA GLU A 60 -13.23 -1.09 -8.83
C GLU A 60 -14.31 -2.13 -9.03
N ALA A 61 -14.12 -3.31 -8.45
CA ALA A 61 -15.09 -4.39 -8.57
C ALA A 61 -16.38 -4.09 -7.80
N ALA A 62 -16.25 -3.41 -6.67
CA ALA A 62 -17.41 -3.01 -5.86
C ALA A 62 -18.29 -2.00 -6.59
N PHE A 63 -17.65 -1.05 -7.29
CA PHE A 63 -18.37 -0.05 -8.08
C PHE A 63 -19.25 -0.67 -9.17
N GLU A 64 -18.71 -1.68 -9.85
CA GLU A 64 -19.47 -2.39 -10.90
C GLU A 64 -20.62 -3.25 -10.33
N ARG A 65 -20.35 -3.95 -9.24
CA ARG A 65 -21.38 -4.76 -8.59
C ARG A 65 -22.49 -3.88 -7.99
N LEU A 66 -22.09 -2.77 -7.35
CA LEU A 66 -23.06 -1.92 -6.66
C LEU A 66 -23.90 -1.04 -7.57
N THR A 67 -23.31 -0.51 -8.65
CA THR A 67 -24.10 0.26 -9.62
C THR A 67 -25.15 -0.65 -10.24
N MET A 68 -24.75 -1.88 -10.54
CA MET A 68 -25.68 -2.87 -11.10
C MET A 68 -26.79 -3.22 -10.09
N ALA A 69 -26.41 -3.44 -8.84
CA ALA A 69 -27.35 -3.79 -7.77
C ALA A 69 -28.33 -2.67 -7.43
N GLU A 70 -27.82 -1.44 -7.39
CA GLU A 70 -28.59 -0.29 -6.90
C GLU A 70 -29.36 0.40 -8.01
N LEU A 71 -28.82 0.39 -9.22
CA LEU A 71 -29.37 1.16 -10.33
C LEU A 71 -29.88 0.29 -11.47
N GLY A 72 -29.49 -0.98 -11.50
CA GLY A 72 -29.88 -1.85 -12.61
C GLY A 72 -29.04 -1.61 -13.85
N LEU A 73 -27.86 -1.03 -13.64
CA LEU A 73 -26.95 -0.70 -14.73
C LEU A 73 -25.52 -0.86 -14.26
N ARG A 74 -24.77 -1.76 -14.91
CA ARG A 74 -23.37 -1.99 -14.54
C ARG A 74 -22.49 -0.91 -15.15
N LEU A 75 -21.85 -0.13 -14.28
CA LEU A 75 -20.93 0.93 -14.69
C LEU A 75 -19.52 0.71 -14.13
N PRO A 76 -18.47 1.04 -14.92
CA PRO A 76 -17.12 1.02 -14.35
C PRO A 76 -16.82 2.26 -13.50
N ILE A 77 -15.85 2.13 -12.59
CA ILE A 77 -15.47 3.23 -11.69
C ILE A 77 -15.03 4.52 -12.44
N THR A 78 -14.45 4.34 -13.63
CA THR A 78 -14.07 5.48 -14.48
C THR A 78 -15.25 6.33 -14.94
N ALA A 79 -16.45 5.77 -14.85
CA ALA A 79 -17.67 6.51 -15.20
C ALA A 79 -18.06 7.53 -14.13
N GLY A 80 -17.61 7.34 -12.90
CA GLY A 80 -17.97 8.25 -11.81
C GLY A 80 -16.90 9.28 -11.49
N GLN A 81 -17.30 10.52 -11.21
CA GLN A 81 -16.35 11.48 -10.70
C GLN A 81 -16.30 11.40 -9.18
N PHE A 82 -15.11 11.15 -8.63
CA PHE A 82 -14.95 10.97 -7.19
C PHE A 82 -15.40 12.22 -6.45
N TYR A 83 -16.19 12.02 -5.40
CA TYR A 83 -16.81 13.13 -4.70
C TYR A 83 -16.55 13.18 -3.20
N GLY A 84 -15.35 12.76 -2.79
CA GLY A 84 -14.94 12.94 -1.40
C GLY A 84 -15.19 11.76 -0.49
N VAL A 85 -14.49 11.76 0.64
CA VAL A 85 -14.70 10.77 1.68
C VAL A 85 -15.63 11.33 2.77
N TRP A 86 -16.78 10.70 2.94
CA TRP A 86 -17.78 11.13 3.90
C TRP A 86 -17.92 10.11 5.01
N GLN A 87 -18.65 10.50 6.07
CA GLN A 87 -18.82 9.66 7.26
C GLN A 87 -20.28 9.66 7.68
N HIS A 88 -20.85 8.47 7.85
CA HIS A 88 -22.26 8.32 8.20
C HIS A 88 -22.37 7.57 9.52
N PHE A 89 -22.99 8.21 10.50
CA PHE A 89 -23.22 7.59 11.80
C PHE A 89 -24.71 7.47 12.06
N TYR A 90 -25.15 6.29 12.49
CA TYR A 90 -26.56 6.04 12.80
C TYR A 90 -26.70 5.46 14.20
N ASP A 91 -27.75 5.88 14.91
CA ASP A 91 -28.10 5.39 16.24
C ASP A 91 -28.33 3.90 16.32
N ASP A 92 -28.97 3.33 15.27
CA ASP A 92 -29.35 1.91 15.26
C ASP A 92 -28.59 1.14 14.20
N ASN A 93 -29.07 -0.09 13.99
CA ASN A 93 -28.48 -1.00 13.03
C ASN A 93 -29.57 -1.88 12.39
N PHE A 94 -29.22 -2.56 11.30
CA PHE A 94 -30.13 -3.44 10.58
C PHE A 94 -31.01 -4.35 11.48
N SER A 95 -30.47 -4.72 12.65
CA SER A 95 -31.13 -5.71 13.52
C SER A 95 -31.93 -5.12 14.68
N GLY A 96 -31.81 -3.81 14.91
CA GLY A 96 -32.49 -3.17 16.03
C GLY A 96 -31.77 -1.98 16.62
N THR A 97 -32.00 -1.75 17.90
CA THR A 97 -31.54 -0.53 18.58
C THR A 97 -30.38 -0.76 19.55
N ASP A 98 -29.83 -1.99 19.58
CA ASP A 98 -28.82 -2.34 20.58
C ASP A 98 -27.41 -1.77 20.36
N PHE A 99 -27.10 -1.39 19.11
CA PHE A 99 -25.80 -0.75 18.80
C PHE A 99 -25.87 0.17 17.59
N THR A 100 -24.82 0.95 17.38
CA THR A 100 -24.78 1.96 16.33
C THR A 100 -24.21 1.41 15.02
N THR A 101 -24.42 2.15 13.93
CA THR A 101 -23.82 1.83 12.63
C THR A 101 -22.92 2.99 12.24
N HIS A 102 -21.73 2.65 11.73
CA HIS A 102 -20.74 3.63 11.27
C HIS A 102 -20.28 3.26 9.85
N PHE A 103 -20.44 4.18 8.90
CA PHE A 103 -19.91 4.04 7.53
C PHE A 103 -18.80 5.07 7.24
N VAL A 104 -17.71 4.62 6.63
CA VAL A 104 -16.82 5.52 5.91
C VAL A 104 -17.18 5.36 4.43
N VAL A 105 -17.43 6.50 3.76
CA VAL A 105 -18.19 6.53 2.51
C VAL A 105 -17.43 7.22 1.39
N LEU A 106 -17.31 6.55 0.25
CA LEU A 106 -16.75 7.17 -0.95
C LEU A 106 -17.88 7.55 -1.90
N GLY A 107 -18.05 8.85 -2.12
CA GLY A 107 -19.07 9.36 -3.02
C GLY A 107 -18.59 9.49 -4.45
N PHE A 108 -19.50 9.24 -5.39
CA PHE A 108 -19.25 9.36 -6.83
C PHE A 108 -20.43 10.02 -7.52
N ARG A 109 -20.13 10.91 -8.46
CA ARG A 109 -21.14 11.65 -9.23
C ARG A 109 -21.09 11.24 -10.68
N PHE A 110 -22.25 11.00 -11.27
CA PHE A 110 -22.34 10.67 -12.70
C PHE A 110 -23.77 10.82 -13.22
N ARG A 111 -23.88 10.91 -14.54
CA ARG A 111 -25.16 11.04 -15.21
C ARG A 111 -25.60 9.74 -15.87
N VAL A 112 -26.89 9.44 -15.77
CA VAL A 112 -27.49 8.33 -16.50
C VAL A 112 -28.71 8.76 -17.30
N SER A 113 -29.21 7.87 -18.13
CA SER A 113 -30.51 8.03 -18.75
C SER A 113 -31.51 7.14 -18.00
N GLU A 114 -32.61 7.75 -17.56
CA GLU A 114 -33.65 7.05 -16.79
C GLU A 114 -34.06 5.71 -17.38
N GLU A 115 -34.13 5.65 -18.71
CA GLU A 115 -34.58 4.46 -19.43
C GLU A 115 -33.68 3.25 -19.17
N GLU A 116 -32.37 3.50 -19.06
CA GLU A 116 -31.36 2.44 -18.94
C GLU A 116 -31.30 1.74 -17.57
N LEU A 117 -32.00 2.29 -16.58
CA LEU A 117 -32.01 1.73 -15.23
C LEU A 117 -33.02 0.58 -15.11
N LEU A 118 -32.53 -0.65 -15.24
CA LEU A 118 -33.38 -1.83 -15.33
C LEU A 118 -33.58 -2.52 -13.98
N LEU A 119 -34.52 -1.99 -13.20
CA LEU A 119 -34.86 -2.53 -11.90
C LEU A 119 -36.13 -3.38 -11.98
N PRO A 120 -36.33 -4.29 -11.00
CA PRO A 120 -37.58 -5.05 -10.93
C PRO A 120 -38.78 -4.12 -10.89
N ASP A 121 -39.82 -4.47 -11.65
CA ASP A 121 -41.01 -3.64 -11.83
C ASP A 121 -41.70 -3.23 -10.53
N GLU A 122 -41.79 -4.13 -9.57
CA GLU A 122 -42.48 -3.84 -8.32
C GLU A 122 -41.72 -2.86 -7.42
N GLN A 123 -40.49 -2.54 -7.79
CA GLN A 123 -39.64 -1.63 -7.02
C GLN A 123 -39.63 -0.21 -7.59
N HIS A 124 -40.43 0.05 -8.61
CA HIS A 124 -40.37 1.33 -9.30
C HIS A 124 -40.85 2.51 -8.43
N ASP A 125 -41.75 2.24 -7.50
CA ASP A 125 -42.21 3.25 -6.53
C ASP A 125 -41.23 3.50 -5.39
N ASP A 126 -40.17 2.70 -5.29
CA ASP A 126 -39.20 2.88 -4.22
C ASP A 126 -38.23 4.02 -4.51
N TYR A 127 -38.36 4.62 -5.69
CA TYR A 127 -37.44 5.64 -6.16
C TYR A 127 -38.19 6.84 -6.72
N ARG A 128 -37.56 8.00 -6.65
CA ARG A 128 -38.08 9.22 -7.25
C ARG A 128 -36.91 10.13 -7.61
N TRP A 129 -37.15 11.05 -8.53
CA TRP A 129 -36.16 12.03 -8.94
C TRP A 129 -36.54 13.40 -8.45
N LEU A 130 -35.57 14.13 -7.90
CA LEU A 130 -35.79 15.52 -7.50
C LEU A 130 -34.59 16.36 -7.92
N THR A 131 -34.88 17.62 -8.27
CA THR A 131 -33.81 18.61 -8.42
C THR A 131 -33.19 18.88 -7.06
N SER A 132 -31.99 19.42 -7.09
CA SER A 132 -31.25 19.79 -5.88
C SER A 132 -32.06 20.67 -4.91
N ASP A 133 -32.68 21.72 -5.42
CA ASP A 133 -33.49 22.63 -4.60
C ASP A 133 -34.67 21.88 -3.96
N ALA A 134 -35.34 21.05 -4.75
CA ALA A 134 -36.48 20.26 -4.25
C ALA A 134 -36.07 19.24 -3.19
N LEU A 135 -34.94 18.57 -3.41
CA LEU A 135 -34.46 17.59 -2.43
C LEU A 135 -34.01 18.26 -1.12
N LEU A 136 -33.45 19.48 -1.22
CA LEU A 136 -33.09 20.27 -0.04
C LEU A 136 -34.30 20.86 0.70
N ALA A 137 -35.44 20.98 0.01
CA ALA A 137 -36.68 21.48 0.62
C ALA A 137 -37.49 20.38 1.32
N SER A 138 -37.22 19.12 0.95
CA SER A 138 -37.98 17.97 1.45
C SER A 138 -37.66 17.65 2.91
N ASP A 139 -38.70 17.34 3.70
CA ASP A 139 -38.55 16.94 5.11
C ASP A 139 -37.96 15.56 5.29
N ASN A 140 -37.89 14.85 4.17
CA ASN A 140 -37.88 13.40 4.11
C ASN A 140 -36.53 12.83 3.68
N VAL A 141 -35.69 13.71 3.18
CA VAL A 141 -34.38 13.33 2.70
C VAL A 141 -33.43 13.42 3.89
N HIS A 142 -32.75 12.31 4.18
CA HIS A 142 -31.85 12.23 5.32
C HIS A 142 -30.70 13.22 5.17
N ALA A 143 -30.22 13.71 6.32
CA ALA A 143 -29.10 14.64 6.39
C ALA A 143 -27.85 14.14 5.66
N ASN A 144 -27.61 12.84 5.69
CA ASN A 144 -26.43 12.26 5.02
C ASN A 144 -26.49 12.37 3.50
N SER A 145 -27.70 12.49 2.98
CA SER A 145 -27.92 12.71 1.54
C SER A 145 -28.05 14.19 1.17
N ARG A 146 -28.73 14.98 2.01
CA ARG A 146 -28.76 16.44 1.84
C ARG A 146 -27.33 17.00 1.73
N ALA A 147 -26.41 16.37 2.48
CA ALA A 147 -25.03 16.83 2.64
C ALA A 147 -24.27 17.01 1.33
N TYR A 148 -24.49 16.09 0.39
CA TYR A 148 -23.86 16.13 -0.93
C TYR A 148 -24.23 17.38 -1.74
N PHE A 149 -25.29 18.06 -1.35
CA PHE A 149 -25.85 19.19 -2.10
C PHE A 149 -25.73 20.52 -1.35
N LEU A 150 -24.97 20.52 -0.25
CA LEU A 150 -24.73 21.72 0.54
C LEU A 150 -23.26 22.10 0.54
N ALA A 151 -22.94 23.29 0.04
CA ALA A 151 -21.56 23.79 -0.01
C ALA A 151 -20.91 23.88 1.38
N GLU A 152 -21.71 24.24 2.38
CA GLU A 152 -21.29 24.26 3.78
C GLU A 152 -20.74 22.91 4.23
N LYS A 153 -21.38 21.83 3.78
CA LYS A 153 -21.01 20.47 4.20
C LYS A 153 -19.78 19.90 3.48
N ARG A 154 -19.55 20.36 2.25
CA ARG A 154 -18.36 19.99 1.46
C ARG A 154 -17.06 20.41 2.14
N THR A 155 -17.11 21.47 2.95
CA THR A 155 -15.96 21.99 3.68
C THR A 155 -15.24 20.89 4.47
N GLY A 156 -13.96 20.69 4.16
CA GLY A 156 -13.11 19.78 4.92
C GLY A 156 -13.31 18.30 4.64
N VAL A 157 -14.05 17.98 3.57
CA VAL A 157 -14.19 16.61 3.12
C VAL A 157 -12.96 16.23 2.29
N PRO A 158 -12.23 15.18 2.72
CA PRO A 158 -11.04 14.76 1.97
C PRO A 158 -11.43 14.39 0.54
N GLY A 159 -10.77 15.01 -0.43
CA GLY A 159 -11.06 14.77 -1.85
C GLY A 159 -11.87 15.85 -2.56
N LEU A 160 -12.35 16.83 -1.80
CA LEU A 160 -13.18 17.91 -2.35
C LEU A 160 -12.52 19.29 -2.23
N MET B 1 -13.67 5.63 19.96
CA MET B 1 -12.65 5.15 20.94
C MET B 1 -12.92 3.70 21.37
N MET B 2 -12.90 2.78 20.41
CA MET B 2 -13.21 1.38 20.68
C MET B 2 -12.09 0.42 20.25
N PHE B 3 -11.22 0.08 21.19
CA PHE B 3 -10.19 -0.90 20.94
C PHE B 3 -10.76 -2.28 21.23
N LEU B 4 -10.61 -3.20 20.28
CA LEU B 4 -11.28 -4.49 20.36
C LEU B 4 -10.44 -5.57 21.05
N ARG B 5 -11.11 -6.48 21.76
CA ARG B 5 -10.49 -7.70 22.25
C ARG B 5 -10.00 -8.54 21.08
N GLN B 6 -8.98 -9.37 21.35
CA GLN B 6 -8.39 -10.28 20.36
C GLN B 6 -9.42 -11.02 19.51
N GLU B 7 -10.41 -11.64 20.15
CA GLU B 7 -11.42 -12.45 19.46
C GLU B 7 -12.30 -11.62 18.52
N ASP B 8 -12.76 -10.46 18.99
CA ASP B 8 -13.57 -9.57 18.16
C ASP B 8 -12.77 -9.02 16.97
N PHE B 9 -11.51 -8.64 17.23
CA PHE B 9 -10.65 -8.11 16.19
C PHE B 9 -10.36 -9.16 15.12
N ALA B 10 -10.10 -10.38 15.55
CA ALA B 10 -9.91 -11.50 14.62
C ALA B 10 -11.11 -11.66 13.69
N THR B 11 -12.31 -11.63 14.27
CA THR B 11 -13.56 -11.72 13.51
C THR B 11 -13.69 -10.60 12.48
N VAL B 12 -13.42 -9.37 12.91
CA VAL B 12 -13.45 -8.19 12.05
C VAL B 12 -12.48 -8.32 10.87
N VAL B 13 -11.23 -8.68 11.16
CA VAL B 13 -10.18 -8.72 10.15
C VAL B 13 -10.50 -9.83 9.12
N ARG B 14 -10.98 -10.95 9.63
CA ARG B 14 -11.47 -12.05 8.81
C ARG B 14 -12.66 -11.64 7.91
N SER B 15 -13.54 -10.78 8.42
CA SER B 15 -14.88 -10.58 7.81
C SER B 15 -15.10 -9.35 6.94
N THR B 16 -14.23 -8.35 7.05
CA THR B 16 -14.55 -7.02 6.51
C THR B 16 -13.30 -6.15 6.28
N PRO B 17 -13.34 -5.21 5.31
CA PRO B 17 -12.22 -4.27 5.20
C PRO B 17 -12.02 -3.37 6.43
N LEU B 18 -10.75 -3.18 6.80
CA LEU B 18 -10.38 -2.20 7.80
C LEU B 18 -10.23 -0.84 7.13
N VAL B 19 -10.33 0.24 7.89
CA VAL B 19 -10.07 1.57 7.36
C VAL B 19 -8.84 2.11 8.08
N SER B 20 -7.89 2.66 7.32
CA SER B 20 -6.67 3.17 7.91
C SER B 20 -6.29 4.53 7.34
N LEU B 21 -5.43 5.24 8.05
CA LEU B 21 -4.81 6.47 7.57
C LEU B 21 -3.31 6.22 7.41
N ASP B 22 -2.76 6.57 6.25
CA ASP B 22 -1.32 6.48 6.03
C ASP B 22 -0.69 7.88 5.98
N PHE B 23 0.48 8.01 6.58
CA PHE B 23 1.20 9.28 6.64
C PHE B 23 2.47 9.26 5.78
N ILE B 24 2.46 10.04 4.71
CA ILE B 24 3.65 10.26 3.88
C ILE B 24 4.35 11.51 4.42
N VAL B 25 5.41 11.25 5.18
CA VAL B 25 6.04 12.25 6.05
C VAL B 25 7.43 12.60 5.54
N GLU B 26 7.59 13.86 5.11
CA GLU B 26 8.84 14.34 4.54
C GLU B 26 9.59 15.24 5.53
N ASN B 27 10.89 15.02 5.67
CA ASN B 27 11.74 15.93 6.45
C ASN B 27 12.28 17.08 5.58
N SER B 28 13.16 17.91 6.16
CA SER B 28 13.73 19.04 5.43
C SER B 28 14.76 18.64 4.36
N ARG B 29 15.32 17.43 4.46
CA ARG B 29 16.22 16.91 3.43
C ARG B 29 15.51 16.17 2.29
N GLY B 30 14.18 16.28 2.22
CA GLY B 30 13.40 15.56 1.21
C GLY B 30 13.43 14.03 1.34
N GLU B 31 13.65 13.54 2.56
CA GLU B 31 13.61 12.11 2.88
C GLU B 31 12.25 11.75 3.49
N PHE B 32 11.86 10.47 3.38
CA PHE B 32 10.55 10.01 3.85
C PHE B 32 10.69 8.98 4.94
N LEU B 33 9.80 9.04 5.93
CA LEU B 33 9.84 8.14 7.07
C LEU B 33 9.28 6.74 6.76
N LEU B 34 10.04 5.74 7.14
CA LEU B 34 9.66 4.35 6.97
C LEU B 34 9.90 3.60 8.27
N GLY B 35 8.98 2.72 8.63
CA GLY B 35 9.10 1.93 9.85
C GLY B 35 9.11 0.45 9.56
N LYS B 36 9.92 -0.27 10.34
CA LYS B 36 10.02 -1.72 10.16
C LYS B 36 8.79 -2.39 10.79
N ARG B 37 8.27 -3.32 10.05
CA ARG B 37 7.12 -4.07 10.44
C ARG B 37 7.58 -5.31 11.27
N THR B 38 7.33 -5.29 12.57
CA THR B 38 7.89 -6.30 13.48
C THR B 38 6.97 -7.51 13.72
N ASN B 39 5.69 -7.35 13.42
CA ASN B 39 4.73 -8.43 13.53
C ASN B 39 4.04 -8.72 12.19
N ARG B 40 3.18 -9.72 12.18
CA ARG B 40 2.29 -9.99 11.04
C ARG B 40 1.21 -8.90 10.97
N PRO B 41 0.67 -8.63 9.76
CA PRO B 41 1.00 -9.20 8.46
C PRO B 41 2.25 -8.57 7.82
N ALA B 42 2.75 -9.22 6.76
CA ALA B 42 3.89 -8.73 5.96
C ALA B 42 5.10 -8.34 6.81
N GLN B 43 5.42 -9.21 7.77
CA GLN B 43 6.53 -9.00 8.70
C GLN B 43 7.89 -8.93 7.98
N GLY B 44 8.71 -7.97 8.41
CA GLY B 44 10.04 -7.76 7.85
C GLY B 44 10.11 -6.67 6.79
N TYR B 45 8.96 -6.24 6.27
CA TYR B 45 8.92 -5.14 5.32
C TYR B 45 8.96 -3.79 6.03
N TRP B 46 9.23 -2.75 5.23
CA TRP B 46 9.25 -1.37 5.66
C TRP B 46 8.02 -0.67 5.07
N PHE B 47 7.32 0.12 5.91
CA PHE B 47 6.10 0.84 5.52
C PHE B 47 6.14 2.28 6.02
N VAL B 48 5.48 3.18 5.29
CA VAL B 48 5.18 4.51 5.86
C VAL B 48 4.27 4.31 7.08
N PRO B 49 4.40 5.19 8.10
CA PRO B 49 3.53 5.04 9.28
C PRO B 49 2.03 5.16 8.99
N GLY B 50 1.21 4.60 9.89
CA GLY B 50 -0.24 4.67 9.79
C GLY B 50 -0.96 3.75 10.77
N GLY B 51 -2.29 3.77 10.72
CA GLY B 51 -3.10 3.00 11.67
C GLY B 51 -4.58 3.01 11.33
N ARG B 52 -5.36 2.13 11.97
CA ARG B 52 -6.77 2.02 11.60
C ARG B 52 -7.72 2.92 12.40
N VAL B 53 -8.82 3.29 11.73
CA VAL B 53 -9.91 4.03 12.33
C VAL B 53 -10.83 3.06 13.08
N GLN B 54 -11.11 3.39 14.34
CA GLN B 54 -11.94 2.57 15.22
C GLN B 54 -13.42 2.86 15.02
N LYS B 55 -14.27 1.96 15.52
CA LYS B 55 -15.72 2.14 15.48
C LYS B 55 -16.12 3.48 16.11
N ASP B 56 -16.97 4.23 15.41
CA ASP B 56 -17.53 5.51 15.88
C ASP B 56 -16.53 6.64 16.09
N GLU B 57 -15.32 6.47 15.53
CA GLU B 57 -14.30 7.50 15.53
C GLU B 57 -14.30 8.28 14.23
N THR B 58 -14.40 9.61 14.32
CA THR B 58 -14.31 10.47 13.14
C THR B 58 -12.90 10.44 12.53
N LEU B 59 -12.80 10.71 11.23
CA LEU B 59 -11.50 10.79 10.57
C LEU B 59 -10.64 11.85 11.27
N GLU B 60 -11.29 12.94 11.66
CA GLU B 60 -10.65 14.06 12.38
C GLU B 60 -9.95 13.59 13.65
N ALA B 61 -10.68 12.86 14.50
CA ALA B 61 -10.12 12.35 15.76
C ALA B 61 -9.07 11.26 15.53
N ALA B 62 -9.32 10.39 14.56
CA ALA B 62 -8.39 9.30 14.27
C ALA B 62 -7.02 9.87 13.85
N PHE B 63 -7.05 10.91 13.02
CA PHE B 63 -5.84 11.58 12.55
C PHE B 63 -5.00 12.12 13.72
N GLU B 64 -5.65 12.70 14.72
CA GLU B 64 -4.93 13.26 15.88
C GLU B 64 -4.38 12.16 16.78
N ARG B 65 -5.19 11.13 17.02
CA ARG B 65 -4.75 9.99 17.82
C ARG B 65 -3.59 9.30 17.13
N LEU B 66 -3.73 9.05 15.83
CA LEU B 66 -2.74 8.27 15.10
C LEU B 66 -1.44 9.01 14.83
N THR B 67 -1.49 10.31 14.56
CA THR B 67 -0.23 11.07 14.42
C THR B 67 0.57 11.09 15.72
N MET B 68 -0.12 11.24 16.86
CA MET B 68 0.55 11.13 18.16
C MET B 68 1.11 9.72 18.41
N ALA B 69 0.29 8.70 18.18
CA ALA B 69 0.68 7.31 18.42
C ALA B 69 1.79 6.83 17.50
N GLU B 70 1.80 7.32 16.26
CA GLU B 70 2.79 6.87 15.27
C GLU B 70 4.04 7.75 15.29
N LEU B 71 3.85 9.06 15.39
CA LEU B 71 4.94 10.02 15.19
C LEU B 71 5.38 10.75 16.46
N GLY B 72 4.56 10.71 17.51
CA GLY B 72 4.88 11.42 18.76
C GLY B 72 4.60 12.90 18.64
N LEU B 73 3.78 13.25 17.66
CA LEU B 73 3.43 14.62 17.35
C LEU B 73 1.94 14.64 17.04
N ARG B 74 1.17 15.39 17.84
CA ARG B 74 -0.27 15.52 17.62
C ARG B 74 -0.54 16.58 16.57
N LEU B 75 -1.11 16.16 15.44
CA LEU B 75 -1.42 17.05 14.32
C LEU B 75 -2.89 16.94 13.96
N PRO B 76 -3.52 18.03 13.55
CA PRO B 76 -4.90 17.97 13.09
C PRO B 76 -4.92 17.56 11.60
N ILE B 77 -6.05 17.01 11.15
CA ILE B 77 -6.24 16.56 9.77
C ILE B 77 -5.92 17.64 8.73
N THR B 78 -6.19 18.89 9.09
CA THR B 78 -5.96 20.06 8.22
C THR B 78 -4.50 20.29 7.91
N ALA B 79 -3.62 19.69 8.71
CA ALA B 79 -2.18 19.77 8.48
C ALA B 79 -1.72 18.83 7.37
N GLY B 80 -2.60 17.93 6.94
CA GLY B 80 -2.26 16.92 5.94
C GLY B 80 -2.86 17.22 4.58
N GLN B 81 -2.10 16.92 3.53
CA GLN B 81 -2.60 17.00 2.18
C GLN B 81 -3.18 15.64 1.84
N PHE B 82 -4.48 15.59 1.58
CA PHE B 82 -5.15 14.34 1.26
C PHE B 82 -4.47 13.79 -0.03
N TYR B 83 -4.21 12.51 -0.05
CA TYR B 83 -3.38 11.93 -1.09
C TYR B 83 -3.99 10.65 -1.67
N GLY B 84 -5.33 10.64 -1.73
CA GLY B 84 -6.08 9.57 -2.38
C GLY B 84 -6.50 8.42 -1.49
N VAL B 85 -7.40 7.61 -2.04
CA VAL B 85 -7.90 6.39 -1.39
C VAL B 85 -7.24 5.16 -2.00
N TRP B 86 -6.49 4.42 -1.18
CA TRP B 86 -5.70 3.27 -1.62
C TRP B 86 -6.26 1.98 -1.04
N GLN B 87 -5.72 0.85 -1.50
CA GLN B 87 -6.21 -0.46 -1.12
C GLN B 87 -5.02 -1.36 -0.81
N HIS B 88 -4.96 -1.89 0.41
CA HIS B 88 -3.87 -2.78 0.84
C HIS B 88 -4.39 -4.18 1.14
N PHE B 89 -3.80 -5.18 0.49
CA PHE B 89 -4.18 -6.59 0.68
C PHE B 89 -2.99 -7.44 1.11
N TYR B 90 -3.09 -8.09 2.26
CA TYR B 90 -2.05 -8.98 2.76
C TYR B 90 -2.56 -10.41 2.87
N ASP B 91 -1.69 -11.37 2.54
CA ASP B 91 -2.05 -12.79 2.57
C ASP B 91 -2.28 -13.33 3.97
N ASP B 92 -1.62 -12.75 4.97
CA ASP B 92 -1.77 -13.20 6.35
C ASP B 92 -2.49 -12.15 7.21
N ASN B 93 -2.46 -12.35 8.52
CA ASN B 93 -3.07 -11.40 9.46
C ASN B 93 -2.33 -11.34 10.80
N PHE B 94 -2.66 -10.36 11.65
CA PHE B 94 -1.98 -10.17 12.94
C PHE B 94 -1.80 -11.47 13.76
N SER B 95 -2.72 -12.40 13.59
CA SER B 95 -2.80 -13.61 14.43
C SER B 95 -2.20 -14.85 13.78
N GLY B 96 -1.84 -14.78 12.51
CA GLY B 96 -1.32 -15.95 11.83
C GLY B 96 -1.68 -15.99 10.35
N THR B 97 -1.87 -17.20 9.84
CA THR B 97 -2.04 -17.44 8.40
C THR B 97 -3.44 -17.91 7.96
N ASP B 98 -4.39 -17.96 8.88
CA ASP B 98 -5.74 -18.49 8.59
C ASP B 98 -6.57 -17.66 7.62
N PHE B 99 -6.32 -16.34 7.58
CA PHE B 99 -7.13 -15.45 6.75
C PHE B 99 -6.34 -14.21 6.34
N THR B 100 -6.84 -13.51 5.32
CA THR B 100 -6.20 -12.33 4.77
C THR B 100 -6.57 -11.06 5.55
N THR B 101 -5.82 -9.99 5.26
CA THR B 101 -6.07 -8.64 5.79
C THR B 101 -6.36 -7.70 4.61
N HIS B 102 -7.34 -6.82 4.79
CA HIS B 102 -7.77 -5.87 3.76
C HIS B 102 -7.93 -4.48 4.40
N PHE B 103 -7.16 -3.50 3.92
CA PHE B 103 -7.33 -2.08 4.29
C PHE B 103 -7.87 -1.23 3.13
N VAL B 104 -8.81 -0.34 3.43
CA VAL B 104 -9.13 0.80 2.56
C VAL B 104 -8.43 2.00 3.20
N VAL B 105 -7.55 2.65 2.45
CA VAL B 105 -6.56 3.55 3.05
C VAL B 105 -6.69 5.00 2.58
N LEU B 106 -6.73 5.91 3.54
CA LEU B 106 -6.69 7.35 3.22
C LEU B 106 -5.27 7.85 3.42
N GLY B 107 -4.62 8.22 2.33
CA GLY B 107 -3.25 8.73 2.39
C GLY B 107 -3.23 10.22 2.66
N PHE B 108 -2.27 10.65 3.47
CA PHE B 108 -2.06 12.06 3.75
C PHE B 108 -0.56 12.37 3.69
N ARG B 109 -0.23 13.45 2.97
CA ARG B 109 1.13 13.90 2.78
C ARG B 109 1.37 15.14 3.63
N PHE B 110 2.50 15.18 4.35
CA PHE B 110 2.91 16.40 5.06
C PHE B 110 4.40 16.48 5.40
N ARG B 111 4.83 17.68 5.75
CA ARG B 111 6.22 18.01 6.03
C ARG B 111 6.42 18.22 7.53
N VAL B 112 7.51 17.68 8.07
CA VAL B 112 7.84 17.82 9.50
C VAL B 112 9.33 18.15 9.74
N SER B 113 9.65 18.50 10.99
CA SER B 113 11.02 18.57 11.48
C SER B 113 11.37 17.22 12.09
N GLU B 114 12.36 16.55 11.51
CA GLU B 114 12.82 15.24 12.00
C GLU B 114 13.09 15.28 13.51
N GLU B 115 13.60 16.44 13.95
CA GLU B 115 13.89 16.71 15.36
C GLU B 115 12.70 16.42 16.28
N GLU B 116 11.52 16.92 15.91
CA GLU B 116 10.34 16.91 16.78
C GLU B 116 9.64 15.56 16.99
N LEU B 117 9.97 14.56 16.17
CA LEU B 117 9.30 13.27 16.27
C LEU B 117 9.85 12.39 17.40
N LEU B 118 8.98 11.55 17.98
CA LEU B 118 9.42 10.58 18.98
C LEU B 118 9.94 9.31 18.30
N LEU B 119 11.25 9.23 18.15
CA LEU B 119 11.90 8.10 17.49
C LEU B 119 13.12 7.60 18.28
N PRO B 120 13.32 6.27 18.32
CA PRO B 120 14.45 5.69 19.05
C PRO B 120 15.82 5.82 18.33
N ASP B 121 16.89 5.37 18.98
CA ASP B 121 18.25 5.44 18.43
C ASP B 121 18.31 4.83 17.04
N GLU B 122 19.01 5.50 16.13
CA GLU B 122 19.23 4.99 14.78
C GLU B 122 19.85 3.60 14.79
N GLN B 123 20.72 3.36 15.77
CA GLN B 123 21.39 2.08 15.96
C GLN B 123 20.43 0.88 15.97
N HIS B 124 19.27 1.05 16.61
CA HIS B 124 18.23 0.01 16.62
C HIS B 124 17.73 -0.33 15.21
N ASP B 125 17.78 0.67 14.31
CA ASP B 125 17.36 0.53 12.91
C ASP B 125 15.93 0.00 12.75
N ASP B 126 15.00 0.59 13.50
CA ASP B 126 13.57 0.27 13.36
C ASP B 126 12.80 1.37 12.59
N TYR B 127 13.49 2.49 12.32
CA TYR B 127 12.99 3.56 11.45
C TYR B 127 14.12 4.08 10.56
N ARG B 128 13.76 4.48 9.34
CA ARG B 128 14.71 5.01 8.37
C ARG B 128 14.10 6.19 7.61
N TRP B 129 14.92 7.19 7.32
CA TRP B 129 14.55 8.26 6.40
C TRP B 129 15.20 8.02 5.04
N LEU B 130 14.39 7.81 4.01
CA LEU B 130 14.90 7.56 2.67
C LEU B 130 14.30 8.51 1.64
N THR B 131 15.12 8.91 0.65
CA THR B 131 14.62 9.65 -0.49
C THR B 131 13.68 8.74 -1.28
N SER B 132 12.83 9.33 -2.12
CA SER B 132 11.96 8.53 -2.98
C SER B 132 12.76 7.63 -3.92
N ASP B 133 13.87 8.15 -4.46
CA ASP B 133 14.72 7.39 -5.39
C ASP B 133 15.34 6.17 -4.75
N ALA B 134 15.69 6.28 -3.47
CA ALA B 134 16.29 5.18 -2.73
C ALA B 134 15.25 4.11 -2.43
N LEU B 135 14.11 4.52 -1.88
CA LEU B 135 13.06 3.58 -1.43
C LEU B 135 12.42 2.81 -2.61
N LEU B 136 12.26 3.50 -3.74
CA LEU B 136 11.75 2.89 -4.96
C LEU B 136 12.62 1.74 -5.47
N ALA B 137 13.92 1.81 -5.23
CA ALA B 137 14.88 0.76 -5.63
C ALA B 137 14.96 -0.39 -4.63
N SER B 138 14.31 -0.21 -3.47
CA SER B 138 14.42 -1.16 -2.36
C SER B 138 13.25 -2.12 -2.28
N ASP B 139 13.51 -3.40 -2.58
CA ASP B 139 12.52 -4.49 -2.58
C ASP B 139 12.06 -4.75 -1.14
N ASN B 140 12.90 -4.27 -0.23
CA ASN B 140 12.80 -4.13 1.20
C ASN B 140 11.56 -3.40 1.64
N VAL B 141 11.22 -2.39 0.84
CA VAL B 141 10.11 -1.47 1.13
C VAL B 141 8.88 -2.04 0.44
N HIS B 142 7.79 -2.20 1.20
CA HIS B 142 6.61 -2.89 0.66
C HIS B 142 6.03 -2.14 -0.51
N ALA B 143 5.54 -2.91 -1.49
CA ALA B 143 4.83 -2.40 -2.68
C ALA B 143 3.78 -1.33 -2.37
N ASN B 144 3.04 -1.53 -1.29
CA ASN B 144 2.01 -0.58 -0.84
C ASN B 144 2.56 0.78 -0.42
N SER B 145 3.83 0.81 -0.05
CA SER B 145 4.50 2.08 0.27
C SER B 145 5.26 2.68 -0.91
N ARG B 146 5.88 1.84 -1.74
CA ARG B 146 6.49 2.32 -2.98
C ARG B 146 5.45 2.93 -3.92
N ALA B 147 4.22 2.41 -3.88
CA ALA B 147 3.10 2.88 -4.71
C ALA B 147 2.88 4.39 -4.64
N TYR B 148 2.98 4.96 -3.43
CA TYR B 148 2.79 6.39 -3.20
C TYR B 148 3.74 7.27 -4.01
N PHE B 149 4.87 6.70 -4.40
CA PHE B 149 5.91 7.44 -5.11
C PHE B 149 6.02 7.07 -6.60
N LEU B 150 5.09 6.24 -7.06
CA LEU B 150 5.07 5.80 -8.46
C LEU B 150 3.93 6.48 -9.22
N ALA B 151 4.25 7.15 -10.32
CA ALA B 151 3.23 7.82 -11.14
C ALA B 151 2.22 6.85 -11.72
N GLU B 152 2.71 5.69 -12.17
CA GLU B 152 1.86 4.66 -12.75
C GLU B 152 0.80 4.16 -11.76
N LYS B 153 1.17 4.07 -10.48
CA LYS B 153 0.26 3.58 -9.43
C LYS B 153 -0.73 4.65 -8.97
N ARG B 154 -0.35 5.92 -9.18
CA ARG B 154 -1.19 7.07 -8.85
C ARG B 154 -2.46 7.13 -9.70
N THR B 155 -2.36 6.61 -10.93
CA THR B 155 -3.46 6.56 -11.89
C THR B 155 -4.62 5.68 -11.38
N GLY B 156 -5.82 6.21 -11.47
CA GLY B 156 -7.02 5.47 -11.08
C GLY B 156 -7.38 5.55 -9.60
N VAL B 157 -6.50 6.17 -8.81
CA VAL B 157 -6.75 6.33 -7.38
C VAL B 157 -7.75 7.46 -7.14
N PRO B 158 -8.89 7.14 -6.51
CA PRO B 158 -9.87 8.18 -6.16
C PRO B 158 -9.25 9.27 -5.28
N GLY B 159 -9.38 10.52 -5.72
CA GLY B 159 -8.79 11.65 -5.00
C GLY B 159 -7.46 12.11 -5.57
N LEU B 160 -6.91 11.36 -6.52
CA LEU B 160 -5.65 11.72 -7.18
C LEU B 160 -5.84 11.95 -8.69
N MET C 1 20.59 11.21 -7.09
CA MET C 1 19.88 9.96 -7.26
C MET C 1 18.78 10.12 -8.29
N MET C 2 18.47 9.03 -8.98
CA MET C 2 17.51 9.06 -10.07
C MET C 2 16.95 7.65 -10.35
N PHE C 3 15.76 7.36 -9.76
CA PHE C 3 15.08 6.11 -10.07
C PHE C 3 14.30 6.34 -11.36
N LEU C 4 14.66 5.59 -12.39
CA LEU C 4 14.13 5.83 -13.72
C LEU C 4 12.75 5.21 -13.93
N ARG C 5 11.94 5.87 -14.75
CA ARG C 5 10.71 5.30 -15.28
C ARG C 5 11.09 4.06 -16.08
N GLN C 6 10.21 3.07 -16.10
CA GLN C 6 10.39 1.82 -16.87
C GLN C 6 10.98 2.05 -18.28
N GLU C 7 10.36 2.96 -19.03
CA GLU C 7 10.78 3.31 -20.40
C GLU C 7 12.22 3.86 -20.45
N ASP C 8 12.54 4.75 -19.52
CA ASP C 8 13.90 5.30 -19.43
C ASP C 8 14.91 4.22 -19.04
N PHE C 9 14.52 3.37 -18.10
CA PHE C 9 15.38 2.27 -17.63
C PHE C 9 15.69 1.23 -18.72
N ALA C 10 14.71 0.93 -19.57
CA ALA C 10 14.88 0.01 -20.69
C ALA C 10 15.90 0.56 -21.68
N THR C 11 15.79 1.86 -21.96
CA THR C 11 16.72 2.55 -22.86
C THR C 11 18.14 2.52 -22.31
N VAL C 12 18.27 2.78 -21.01
CA VAL C 12 19.57 2.69 -20.34
C VAL C 12 20.16 1.27 -20.42
N VAL C 13 19.39 0.25 -20.03
CA VAL C 13 19.89 -1.13 -20.04
C VAL C 13 20.28 -1.59 -21.45
N ARG C 14 19.48 -1.22 -22.44
CA ARG C 14 19.75 -1.45 -23.86
C ARG C 14 21.06 -0.80 -24.33
N SER C 15 21.37 0.40 -23.82
CA SER C 15 22.34 1.30 -24.45
C SER C 15 23.72 1.37 -23.81
N THR C 16 23.84 0.95 -22.56
CA THR C 16 25.05 1.24 -21.77
C THR C 16 25.24 0.24 -20.62
N PRO C 17 26.50 0.05 -20.16
CA PRO C 17 26.71 -0.74 -18.94
C PRO C 17 26.13 -0.12 -17.65
N LEU C 18 25.57 -0.97 -16.80
CA LEU C 18 25.15 -0.56 -15.48
C LEU C 18 26.35 -0.71 -14.58
N VAL C 19 26.39 0.05 -13.49
CA VAL C 19 27.42 -0.10 -12.45
C VAL C 19 26.75 -0.70 -11.24
N SER C 20 27.33 -1.76 -10.67
CA SER C 20 26.74 -2.40 -9.53
C SER C 20 27.73 -2.66 -8.41
N LEU C 21 27.19 -2.86 -7.21
CA LEU C 21 27.98 -3.34 -6.07
C LEU C 21 27.44 -4.73 -5.72
N ASP C 22 28.34 -5.67 -5.49
CA ASP C 22 27.97 -7.03 -5.06
C ASP C 22 28.57 -7.29 -3.70
N PHE C 23 27.83 -7.99 -2.85
CA PHE C 23 28.29 -8.25 -1.50
C PHE C 23 28.57 -9.74 -1.27
N ILE C 24 29.82 -10.08 -0.98
CA ILE C 24 30.18 -11.45 -0.59
C ILE C 24 30.19 -11.50 0.94
N VAL C 25 29.08 -12.00 1.49
CA VAL C 25 28.79 -11.85 2.90
C VAL C 25 28.92 -13.18 3.63
N GLU C 26 29.89 -13.25 4.53
CA GLU C 26 30.19 -14.46 5.31
C GLU C 26 29.63 -14.34 6.74
N ASN C 27 29.01 -15.42 7.21
CA ASN C 27 28.52 -15.55 8.59
C ASN C 27 29.55 -16.23 9.51
N SER C 28 29.15 -16.48 10.77
CA SER C 28 29.98 -17.16 11.79
C SER C 28 30.40 -18.58 11.45
N ARG C 29 29.64 -19.23 10.57
CA ARG C 29 29.88 -20.62 10.18
C ARG C 29 30.70 -20.72 8.89
N GLY C 30 31.18 -19.58 8.41
CA GLY C 30 31.89 -19.53 7.13
C GLY C 30 31.01 -19.81 5.93
N GLU C 31 29.72 -19.48 6.04
CA GLU C 31 28.80 -19.62 4.92
C GLU C 31 28.55 -18.24 4.32
N PHE C 32 28.15 -18.21 3.04
CA PHE C 32 27.93 -16.95 2.33
C PHE C 32 26.48 -16.83 1.89
N LEU C 33 25.98 -15.61 1.87
CA LEU C 33 24.58 -15.36 1.52
C LEU C 33 24.35 -15.37 0.01
N LEU C 34 23.28 -16.05 -0.39
CA LEU C 34 22.86 -16.16 -1.79
C LEU C 34 21.38 -15.88 -1.85
N GLY C 35 20.95 -15.27 -2.95
CA GLY C 35 19.55 -14.94 -3.13
C GLY C 35 19.03 -15.43 -4.45
N LYS C 36 17.79 -15.94 -4.46
CA LYS C 36 17.22 -16.45 -5.69
C LYS C 36 16.81 -15.32 -6.59
N ARG C 37 17.16 -15.50 -7.87
CA ARG C 37 16.78 -14.61 -8.94
C ARG C 37 15.34 -14.90 -9.42
N THR C 38 14.38 -14.10 -8.94
CA THR C 38 12.96 -14.40 -9.14
C THR C 38 12.35 -13.71 -10.37
N ASN C 39 13.17 -12.93 -11.07
CA ASN C 39 12.76 -12.26 -12.28
C ASN C 39 13.89 -12.31 -13.31
N ARG C 40 13.62 -11.82 -14.52
CA ARG C 40 14.66 -11.67 -15.54
C ARG C 40 15.61 -10.54 -15.16
N PRO C 41 16.88 -10.58 -15.64
CA PRO C 41 17.50 -11.61 -16.50
C PRO C 41 18.01 -12.81 -15.69
N ALA C 42 18.40 -13.88 -16.37
CA ALA C 42 18.95 -15.08 -15.72
C ALA C 42 18.09 -15.57 -14.53
N GLN C 43 16.79 -15.68 -14.78
CA GLN C 43 15.82 -16.09 -13.76
C GLN C 43 16.04 -17.53 -13.27
N GLY C 44 15.84 -17.73 -11.97
CA GLY C 44 16.00 -19.04 -11.36
C GLY C 44 17.40 -19.36 -10.82
N TYR C 45 18.41 -18.59 -11.24
CA TYR C 45 19.75 -18.75 -10.70
C TYR C 45 19.87 -18.11 -9.32
N TRP C 46 20.90 -18.53 -8.59
CA TRP C 46 21.26 -17.97 -7.28
C TRP C 46 22.50 -17.03 -7.40
N PHE C 47 22.46 -15.90 -6.70
CA PHE C 47 23.50 -14.88 -6.83
C PHE C 47 23.86 -14.34 -5.46
N VAL C 48 25.10 -13.87 -5.28
CA VAL C 48 25.37 -13.05 -4.11
C VAL C 48 24.57 -11.76 -4.24
N PRO C 49 24.17 -11.15 -3.10
CA PRO C 49 23.34 -9.93 -3.22
C PRO C 49 24.10 -8.76 -3.82
N GLY C 50 23.38 -7.82 -4.43
CA GLY C 50 23.99 -6.62 -4.98
C GLY C 50 23.02 -5.80 -5.79
N GLY C 51 23.46 -4.66 -6.30
CA GLY C 51 22.57 -3.79 -7.08
C GLY C 51 23.25 -2.60 -7.70
N ARG C 52 22.52 -1.84 -8.50
CA ARG C 52 23.12 -0.79 -9.30
C ARG C 52 23.19 0.60 -8.62
N VAL C 53 24.19 1.37 -9.06
CA VAL C 53 24.41 2.74 -8.62
C VAL C 53 23.63 3.66 -9.55
N GLN C 54 22.91 4.61 -8.97
CA GLN C 54 22.08 5.53 -9.73
C GLN C 54 22.87 6.76 -10.14
N LYS C 55 22.33 7.51 -11.11
CA LYS C 55 22.90 8.77 -11.57
C LYS C 55 23.15 9.72 -10.40
N ASP C 56 24.35 10.29 -10.37
CA ASP C 56 24.76 11.27 -9.34
C ASP C 56 24.78 10.70 -7.91
N GLU C 57 24.65 9.38 -7.80
CA GLU C 57 24.82 8.73 -6.52
C GLU C 57 26.27 8.30 -6.33
N THR C 58 26.80 8.70 -5.19
CA THR C 58 28.12 8.36 -4.70
C THR C 58 28.21 6.83 -4.38
N LEU C 59 29.39 6.24 -4.56
CA LEU C 59 29.60 4.82 -4.22
C LEU C 59 29.38 4.58 -2.73
N GLU C 60 29.79 5.55 -1.94
CA GLU C 60 29.62 5.53 -0.50
C GLU C 60 28.13 5.49 -0.14
N ALA C 61 27.34 6.35 -0.77
CA ALA C 61 25.89 6.39 -0.54
C ALA C 61 25.16 5.17 -1.08
N ALA C 62 25.56 4.70 -2.26
CA ALA C 62 25.03 3.46 -2.84
C ALA C 62 25.23 2.26 -1.92
N PHE C 63 26.42 2.17 -1.31
CA PHE C 63 26.77 1.05 -0.44
C PHE C 63 25.80 0.98 0.75
N GLU C 64 25.56 2.13 1.37
CA GLU C 64 24.67 2.21 2.54
C GLU C 64 23.22 1.87 2.15
N ARG C 65 22.75 2.46 1.05
CA ARG C 65 21.44 2.16 0.53
C ARG C 65 21.28 0.68 0.17
N LEU C 66 22.29 0.11 -0.47
CA LEU C 66 22.19 -1.25 -1.00
C LEU C 66 22.28 -2.32 0.08
N THR C 67 23.11 -2.11 1.10
CA THR C 67 23.14 -3.03 2.25
C THR C 67 21.82 -3.00 3.04
N MET C 68 21.22 -1.82 3.21
CA MET C 68 19.92 -1.69 3.89
C MET C 68 18.81 -2.47 3.17
N ALA C 69 18.85 -2.42 1.85
CA ALA C 69 17.86 -3.11 1.04
C ALA C 69 18.20 -4.58 0.81
N GLU C 70 19.45 -4.86 0.43
CA GLU C 70 19.83 -6.22 0.02
C GLU C 70 20.10 -7.16 1.20
N LEU C 71 20.54 -6.60 2.32
CA LEU C 71 20.90 -7.40 3.49
C LEU C 71 20.00 -7.13 4.70
N GLY C 72 19.21 -6.06 4.62
CA GLY C 72 18.41 -5.62 5.76
C GLY C 72 19.27 -5.20 6.93
N LEU C 73 20.39 -4.56 6.63
CA LEU C 73 21.40 -4.14 7.61
C LEU C 73 22.15 -2.92 7.09
N ARG C 74 22.16 -1.84 7.86
CA ARG C 74 22.81 -0.62 7.42
C ARG C 74 24.31 -0.69 7.70
N LEU C 75 25.11 -0.67 6.63
CA LEU C 75 26.58 -0.68 6.75
C LEU C 75 27.23 0.39 5.87
N PRO C 76 28.29 1.04 6.39
CA PRO C 76 29.07 1.98 5.59
C PRO C 76 30.12 1.26 4.74
N ILE C 77 30.59 1.92 3.69
CA ILE C 77 31.53 1.31 2.73
C ILE C 77 32.84 0.90 3.41
N THR C 78 33.17 1.55 4.53
CA THR C 78 34.37 1.20 5.30
C THR C 78 34.30 -0.22 5.89
N ALA C 79 33.10 -0.77 6.01
CA ALA C 79 32.92 -2.11 6.52
C ALA C 79 33.33 -3.20 5.52
N GLY C 80 33.38 -2.84 4.25
CA GLY C 80 33.68 -3.78 3.18
C GLY C 80 35.13 -3.81 2.76
N GLN C 81 35.61 -4.99 2.39
CA GLN C 81 36.94 -5.16 1.82
C GLN C 81 36.78 -5.24 0.30
N PHE C 82 37.36 -4.28 -0.42
CA PHE C 82 37.25 -4.24 -1.87
C PHE C 82 37.77 -5.53 -2.46
N TYR C 83 37.02 -6.09 -3.42
CA TYR C 83 37.29 -7.41 -3.96
C TYR C 83 37.29 -7.45 -5.50
N GLY C 84 37.82 -6.41 -6.12
CA GLY C 84 38.00 -6.37 -7.57
C GLY C 84 36.84 -5.83 -8.37
N VAL C 85 37.13 -5.53 -9.64
CA VAL C 85 36.16 -5.08 -10.62
C VAL C 85 35.84 -6.23 -11.57
N TRP C 86 34.54 -6.60 -11.62
CA TRP C 86 34.07 -7.75 -12.38
C TRP C 86 33.12 -7.27 -13.49
N GLN C 87 32.73 -8.19 -14.38
CA GLN C 87 31.87 -7.85 -15.51
C GLN C 87 30.81 -8.93 -15.68
N HIS C 88 29.54 -8.55 -15.69
CA HIS C 88 28.45 -9.52 -15.81
C HIS C 88 27.66 -9.23 -17.07
N PHE C 89 27.51 -10.24 -17.92
CA PHE C 89 26.75 -10.12 -19.16
C PHE C 89 25.65 -11.19 -19.18
N TYR C 90 24.41 -10.76 -19.41
CA TYR C 90 23.26 -11.67 -19.48
C TYR C 90 22.56 -11.49 -20.81
N ASP C 91 22.11 -12.61 -21.40
CA ASP C 91 21.45 -12.61 -22.73
C ASP C 91 20.12 -11.86 -22.78
N ASP C 92 19.45 -11.74 -21.64
CA ASP C 92 18.15 -11.08 -21.60
C ASP C 92 18.15 -9.84 -20.67
N ASN C 93 16.96 -9.28 -20.40
CA ASN C 93 16.84 -8.14 -19.51
C ASN C 93 15.55 -8.17 -18.70
N PHE C 94 15.45 -7.30 -17.69
CA PHE C 94 14.31 -7.25 -16.77
C PHE C 94 12.96 -7.31 -17.46
N SER C 95 12.90 -6.80 -18.70
CA SER C 95 11.63 -6.61 -19.41
C SER C 95 11.34 -7.65 -20.47
N GLY C 96 12.31 -8.53 -20.78
CA GLY C 96 12.12 -9.53 -21.84
C GLY C 96 13.42 -10.02 -22.47
N THR C 97 13.35 -10.42 -23.73
CA THR C 97 14.48 -11.00 -24.45
C THR C 97 14.98 -10.15 -25.62
N ASP C 98 14.44 -8.93 -25.77
CA ASP C 98 14.81 -8.07 -26.91
C ASP C 98 16.28 -7.59 -26.91
N PHE C 99 16.87 -7.44 -25.74
CA PHE C 99 18.26 -6.97 -25.60
C PHE C 99 18.97 -7.56 -24.37
N THR C 100 20.29 -7.41 -24.34
CA THR C 100 21.14 -7.96 -23.28
C THR C 100 21.28 -7.02 -22.07
N THR C 101 21.90 -7.54 -21.02
CA THR C 101 22.18 -6.77 -19.82
C THR C 101 23.68 -6.83 -19.52
N HIS C 102 24.24 -5.70 -19.10
CA HIS C 102 25.67 -5.57 -18.86
C HIS C 102 25.91 -4.78 -17.57
N PHE C 103 26.62 -5.40 -16.63
CA PHE C 103 27.06 -4.73 -15.41
C PHE C 103 28.58 -4.65 -15.35
N VAL C 104 29.11 -3.51 -14.91
CA VAL C 104 30.48 -3.46 -14.42
C VAL C 104 30.36 -3.48 -12.89
N VAL C 105 31.06 -4.42 -12.25
CA VAL C 105 30.76 -4.79 -10.87
C VAL C 105 31.94 -4.55 -9.93
N LEU C 106 31.66 -3.85 -8.83
CA LEU C 106 32.60 -3.71 -7.72
C LEU C 106 32.19 -4.61 -6.57
N GLY C 107 33.00 -5.65 -6.31
CA GLY C 107 32.73 -6.60 -5.24
C GLY C 107 33.30 -6.18 -3.89
N PHE C 108 32.57 -6.50 -2.82
CA PHE C 108 33.04 -6.26 -1.45
C PHE C 108 32.83 -7.50 -0.59
N ARG C 109 33.86 -7.92 0.14
CA ARG C 109 33.73 -9.01 1.13
C ARG C 109 33.65 -8.44 2.52
N PHE C 110 32.74 -8.98 3.32
CA PHE C 110 32.73 -8.70 4.75
C PHE C 110 32.05 -9.83 5.53
N ARG C 111 32.40 -9.92 6.80
CA ARG C 111 31.74 -10.83 7.72
C ARG C 111 30.61 -10.12 8.45
N VAL C 112 29.50 -10.82 8.60
CA VAL C 112 28.36 -10.34 9.36
C VAL C 112 27.89 -11.39 10.36
N SER C 113 27.01 -10.96 11.25
CA SER C 113 26.31 -11.85 12.16
C SER C 113 24.95 -12.17 11.53
N GLU C 114 24.76 -13.43 11.12
CA GLU C 114 23.57 -13.88 10.38
C GLU C 114 22.26 -13.41 11.00
N GLU C 115 22.20 -13.44 12.33
CA GLU C 115 21.00 -13.05 13.08
C GLU C 115 20.67 -11.56 12.96
N GLU C 116 21.67 -10.75 12.62
CA GLU C 116 21.51 -9.30 12.47
C GLU C 116 20.89 -8.84 11.13
N LEU C 117 20.75 -9.76 10.18
CA LEU C 117 20.14 -9.44 8.90
C LEU C 117 18.62 -9.55 9.00
N LEU C 118 17.91 -8.49 8.62
CA LEU C 118 16.44 -8.52 8.69
C LEU C 118 15.81 -8.22 7.34
N LEU C 119 15.41 -9.30 6.68
CA LEU C 119 14.72 -9.22 5.41
C LEU C 119 13.27 -9.66 5.56
N PRO C 120 12.39 -9.26 4.62
CA PRO C 120 10.98 -9.66 4.67
C PRO C 120 10.80 -11.17 4.82
N ASP C 121 9.93 -11.58 5.75
CA ASP C 121 9.70 -12.99 6.06
C ASP C 121 9.20 -13.81 4.87
N GLU C 122 8.39 -13.19 4.00
CA GLU C 122 7.81 -13.92 2.88
C GLU C 122 8.80 -14.23 1.74
N GLN C 123 10.02 -13.70 1.84
CA GLN C 123 11.02 -14.01 0.81
C GLN C 123 12.17 -14.84 1.39
N HIS C 124 11.95 -15.35 2.61
CA HIS C 124 12.95 -16.13 3.30
C HIS C 124 13.42 -17.35 2.43
N ASP C 125 12.50 -17.95 1.62
CA ASP C 125 12.79 -19.14 0.78
C ASP C 125 13.63 -18.76 -0.45
N ASP C 126 13.83 -17.46 -0.59
CA ASP C 126 14.60 -16.93 -1.72
C ASP C 126 16.00 -16.50 -1.26
N TYR C 127 16.39 -16.99 -0.08
CA TYR C 127 17.69 -16.72 0.54
C TYR C 127 18.22 -17.98 1.23
N ARG C 128 19.52 -18.23 1.12
CA ARG C 128 20.20 -19.40 1.69
C ARG C 128 21.62 -19.02 2.03
N TRP C 129 22.21 -19.73 2.99
CA TRP C 129 23.62 -19.60 3.30
C TRP C 129 24.35 -20.89 2.91
N LEU C 130 25.36 -20.78 2.05
CA LEU C 130 26.16 -21.94 1.63
C LEU C 130 27.64 -21.71 1.88
N THR C 131 28.33 -22.74 2.36
CA THR C 131 29.78 -22.75 2.33
C THR C 131 30.22 -22.56 0.86
N SER C 132 31.44 -22.05 0.67
CA SER C 132 31.98 -21.92 -0.66
C SER C 132 32.10 -23.30 -1.31
N ASP C 133 32.38 -24.31 -0.50
CA ASP C 133 32.54 -25.69 -0.98
C ASP C 133 31.24 -26.23 -1.59
N ALA C 134 30.12 -25.89 -0.97
CA ALA C 134 28.80 -26.31 -1.47
C ALA C 134 28.40 -25.51 -2.70
N LEU C 135 28.57 -24.19 -2.64
CA LEU C 135 28.12 -23.31 -3.73
C LEU C 135 28.92 -23.53 -5.03
N LEU C 136 30.19 -23.89 -4.90
CA LEU C 136 31.07 -24.13 -6.06
C LEU C 136 30.72 -25.43 -6.81
N ALA C 137 30.11 -26.38 -6.09
CA ALA C 137 29.69 -27.66 -6.68
C ALA C 137 28.34 -27.58 -7.39
N SER C 138 27.66 -26.44 -7.29
CA SER C 138 26.29 -26.32 -7.79
C SER C 138 26.14 -25.46 -9.05
N ASP C 139 25.52 -26.02 -10.08
CA ASP C 139 25.16 -25.31 -11.32
C ASP C 139 24.00 -24.31 -11.19
N ASN C 140 23.28 -24.36 -10.07
CA ASN C 140 22.15 -23.46 -9.81
C ASN C 140 22.64 -22.10 -9.29
N VAL C 141 23.90 -22.05 -8.87
CA VAL C 141 24.56 -20.81 -8.49
C VAL C 141 25.24 -20.29 -9.75
N HIS C 142 24.97 -19.04 -10.10
CA HIS C 142 25.45 -18.49 -11.37
C HIS C 142 26.98 -18.44 -11.40
N ALA C 143 27.53 -18.67 -12.59
CA ALA C 143 28.97 -18.55 -12.80
C ALA C 143 29.53 -17.24 -12.24
N ASN C 144 28.78 -16.16 -12.41
CA ASN C 144 29.19 -14.82 -11.95
C ASN C 144 29.36 -14.72 -10.42
N SER C 145 28.66 -15.57 -9.68
CA SER C 145 28.84 -15.67 -8.22
C SER C 145 29.87 -16.71 -7.80
N ARG C 146 29.87 -17.85 -8.48
CA ARG C 146 30.89 -18.87 -8.25
C ARG C 146 32.31 -18.33 -8.54
N ALA C 147 32.41 -17.36 -9.45
CA ALA C 147 33.71 -16.77 -9.83
C ALA C 147 34.46 -16.13 -8.66
N TYR C 148 33.73 -15.48 -7.75
CA TYR C 148 34.33 -14.88 -6.54
C TYR C 148 35.13 -15.85 -5.67
N PHE C 149 34.84 -17.15 -5.80
CA PHE C 149 35.40 -18.19 -4.94
C PHE C 149 36.39 -19.12 -5.66
N LEU C 150 36.68 -18.79 -6.91
CA LEU C 150 37.62 -19.55 -7.73
C LEU C 150 38.87 -18.74 -8.00
N ALA C 151 40.03 -19.26 -7.57
CA ALA C 151 41.34 -18.63 -7.82
C ALA C 151 41.65 -18.36 -9.30
N GLU C 152 41.15 -19.24 -10.17
CA GLU C 152 41.38 -19.13 -11.62
C GLU C 152 40.63 -17.95 -12.24
N LYS C 153 39.53 -17.54 -11.60
CA LYS C 153 38.69 -16.46 -12.09
C LYS C 153 39.16 -15.11 -11.59
N ARG C 154 39.96 -15.11 -10.53
CA ARG C 154 40.48 -13.89 -9.93
C ARG C 154 41.66 -13.36 -10.75
N THR C 155 42.32 -14.27 -11.47
CA THR C 155 43.41 -13.92 -12.37
C THR C 155 42.92 -12.90 -13.39
N GLY C 156 43.64 -11.77 -13.49
CA GLY C 156 43.30 -10.69 -14.41
C GLY C 156 42.18 -9.76 -13.97
N VAL C 157 41.72 -9.88 -12.73
CA VAL C 157 40.66 -9.00 -12.24
C VAL C 157 41.28 -7.76 -11.61
N PRO C 158 40.96 -6.57 -12.15
CA PRO C 158 41.52 -5.33 -11.61
C PRO C 158 41.23 -5.18 -10.12
N GLY C 159 42.28 -5.05 -9.32
CA GLY C 159 42.15 -4.87 -7.87
C GLY C 159 42.48 -6.11 -7.07
N LEU C 160 42.72 -7.22 -7.78
CA LEU C 160 43.08 -8.49 -7.19
C LEU C 160 44.43 -8.96 -7.72
MG MG D . -27.95 -0.20 -0.74
N2 GDD E . -26.36 -10.55 6.54
C2 GDD E . -25.67 -9.59 5.90
N1 GDD E . -24.34 -9.76 5.61
N3 GDD E . -26.29 -8.45 5.52
C4 GDD E . -25.61 -7.48 4.87
C5 GDD E . -24.26 -7.65 4.57
C6 GDD E . -23.62 -8.83 4.94
O6 GDD E . -22.41 -9.05 4.69
N7 GDD E . -23.86 -6.54 3.91
C8 GDD E . -24.92 -5.71 3.82
N9 GDD E . -25.99 -6.28 4.40
C1' GDD E . -27.37 -5.72 4.52
C2' GDD E . -27.37 -4.25 4.87
O2' GDD E . -27.55 -4.00 6.26
C3' GDD E . -28.55 -3.70 4.07
O3' GDD E . -29.72 -3.73 4.88
C4' GDD E . -28.72 -4.65 2.90
O4' GDD E . -28.01 -5.85 3.26
C5' GDD E . -28.11 -4.04 1.64
O5' GDD E . -26.99 -3.26 2.08
PA GDD E . -25.99 -2.48 1.07
O1A GDD E . -24.79 -3.34 0.82
O2A GDD E . -26.78 -1.93 -0.11
O3A GDD E . -25.53 -1.31 2.08
PB GDD E . -26.56 -0.26 2.76
O2B GDD E . -27.75 -0.04 1.85
O3B GDD E . -26.78 -0.70 4.18
O1B GDD E . -25.69 1.08 2.80
C11 GDD E . -26.09 2.21 2.02
O51 GDD E . -27.12 2.91 2.71
C51 GDD E . -26.76 3.69 3.87
C61 GDD E . -27.96 4.54 4.28
O6A GDD E . -28.96 3.67 4.82
C21 GDD E . -24.88 3.11 1.71
O21 GDD E . -25.31 4.01 0.68
C31 GDD E . -24.43 3.87 2.95
O31 GDD E . -23.41 4.82 2.61
C41 GDD E . -25.60 4.63 3.57
O41 GDD E . -25.21 5.31 4.78
C1 BMA F . 3.15 -4.40 14.59
C2 BMA F . 4.16 -3.37 14.10
C3 BMA F . 3.45 -2.16 13.48
C4 BMA F . 2.40 -2.60 12.48
C5 BMA F . 1.49 -3.67 13.08
C6 BMA F . 0.47 -4.16 12.06
O2 BMA F . 5.02 -3.96 13.14
O3 BMA F . 4.42 -1.34 12.83
O4 BMA F . 1.61 -1.47 12.08
O5 BMA F . 2.29 -4.77 13.53
O6 BMA F . -0.10 -5.40 12.51
MG MG G . 0.49 1.51 12.91
N2 GDD H . -6.63 -6.52 19.43
C2 GDD H . -6.70 -5.43 18.64
N1 GDD H . -7.84 -4.70 18.57
N3 GDD H . -5.62 -5.09 17.90
C4 GDD H . -5.67 -3.99 17.10
C5 GDD H . -6.82 -3.23 17.02
C6 GDD H . -7.91 -3.60 17.78
O6 GDD H . -8.96 -2.93 17.72
N7 GDD H . -6.57 -2.22 16.15
C8 GDD H . -5.30 -2.37 15.71
N9 GDD H . -4.77 -3.45 16.29
C1' GDD H . -3.39 -3.99 16.15
C2' GDD H . -2.93 -4.19 14.71
O2' GDD H . -3.05 -5.57 14.38
C3' GDD H . -1.46 -3.83 14.79
O3' GDD H . -0.68 -4.99 15.10
C4' GDD H . -1.34 -2.84 15.94
O4' GDD H . -2.49 -3.05 16.76
C5' GDD H . -1.29 -1.40 15.43
O5' GDD H . -2.46 -1.16 14.67
PA GDD H . -2.60 0.21 13.84
O1A GDD H . -3.92 0.84 14.20
O2A GDD H . -1.34 1.02 13.98
O3A GDD H . -2.75 -0.31 12.32
PB GDD H . -1.54 -1.00 11.53
O2B GDD H . -0.25 -0.34 12.00
O3B GDD H . -1.77 -2.48 11.60
O1B GDD H . -1.80 -0.56 10.00
C11 GDD H . -0.80 0.16 9.28
O51 GDD H . 0.10 -0.79 8.68
C51 GDD H . -0.40 -1.51 7.53
C61 GDD H . 0.74 -2.36 6.95
O6A GDD H . 1.21 -3.23 7.97
C21 GDD H . -1.41 1.10 8.24
O21 GDD H . -0.38 2.00 7.79
C31 GDD H . -2.01 0.33 7.07
O31 GDD H . -2.54 1.20 6.06
C41 GDD H . -0.95 -0.58 6.45
O41 GDD H . -1.49 -1.32 5.33
C1 BMA I . 14.48 -10.17 -8.98
C2 BMA I . 14.96 -10.97 -7.76
C3 BMA I . 15.98 -10.17 -6.95
C4 BMA I . 17.07 -9.61 -7.86
C5 BMA I . 16.46 -8.90 -9.05
C6 BMA I . 17.55 -8.39 -9.99
O2 BMA I . 15.53 -12.21 -8.19
O3 BMA I . 16.57 -11.03 -5.97
O4 BMA I . 17.88 -8.68 -7.11
O5 BMA I . 15.61 -9.80 -9.76
O6 BMA I . 16.96 -8.04 -11.26
MG MG J . 19.73 -6.35 -6.18
N2 GDD K . 12.13 1.16 -13.26
C2 GDD K . 13.37 1.03 -12.71
N1 GDD K . 14.16 2.12 -12.63
N3 GDD K . 13.79 -0.17 -12.24
C4 GDD K . 15.02 -0.29 -11.68
C5 GDD K . 15.86 0.82 -11.60
C6 GDD K . 15.40 2.04 -12.08
O6 GDD K . 16.08 3.08 -12.04
N7 GDD K . 17.00 0.42 -11.01
C8 GDD K . 16.88 -0.91 -10.74
N9 GDD K . 15.68 -1.34 -11.17
C1' GDD K . 15.13 -2.71 -11.04
C2' GDD K . 15.98 -3.82 -11.62
O2' GDD K . 15.50 -4.27 -12.88
C3' GDD K . 15.89 -4.94 -10.59
O3' GDD K . 14.87 -5.88 -10.94
C4' GDD K . 15.49 -4.27 -9.29
O4' GDD K . 15.09 -2.95 -9.63
C5' GDD K . 16.66 -4.24 -8.32
O5' GDD K . 17.80 -3.80 -9.08
PA GDD K . 19.27 -3.77 -8.47
O1A GDD K . 19.79 -2.35 -8.57
O2A GDD K . 19.23 -4.43 -7.11
O3A GDD K . 20.07 -4.63 -9.58
PB GDD K . 20.03 -6.25 -9.65
O2B GDD K . 19.69 -6.83 -8.30
O3B GDD K . 19.24 -6.65 -10.87
O1B GDD K . 21.57 -6.59 -9.93
C11 GDD K . 22.20 -7.59 -9.15
O51 GDD K . 21.97 -8.89 -9.72
C51 GDD K . 22.66 -9.17 -10.94
C61 GDD K . 22.31 -10.60 -11.35
O6A GDD K . 20.93 -10.59 -11.73
C21 GDD K . 23.70 -7.28 -9.01
O21 GDD K . 24.21 -8.09 -7.94
C31 GDD K . 24.43 -7.55 -10.32
O31 GDD K . 25.83 -7.32 -10.16
C41 GDD K . 24.16 -8.97 -10.78
O41 GDD K . 24.83 -9.21 -12.02
#